data_1RJC
#
_entry.id   1RJC
#
_cell.length_a   50.020
_cell.length_b   68.360
_cell.length_c   72.050
_cell.angle_alpha   90.00
_cell.angle_beta   90.00
_cell.angle_gamma   90.00
#
_symmetry.space_group_name_H-M   'P 21 21 21'
#
loop_
_entity.id
_entity.type
_entity.pdbx_description
1 polymer 'camelid heavy chain antibody'
2 polymer 'Lysozyme C'
3 non-polymer 'PHOSPHATE ION'
4 non-polymer GLYCEROL
5 water water
#
loop_
_entity_poly.entity_id
_entity_poly.type
_entity_poly.pdbx_seq_one_letter_code
_entity_poly.pdbx_strand_id
1 'polypeptide(L)'
;EVQLQASGGGSVQAGQSLRLSCATSGATSSSNCMGWFRQAPGKEREGVAVIDTGRGNTAYADSVQGRLTISLDNAKNTLY
LQMNSLKPEDTAMYYCAADTSTWYRGYCGTNPNYFSYWGQGTQVTVSSRGRHHHHHH
;
A
2 'polypeptide(L)'
;KVFGRCELAAAMKRHGLDNYRGYSLGNWVCAAKFESNFNTQATNRNTDGSTDYGILQINSRWWCNDGRTPGSRNLCNIPC
SALLSSDITASVNCAKKIVSDGNGMNAWVAWRNRCKGTDVQAWIRGCRL
;
B
#
# COMPACT_ATOMS: atom_id res chain seq x y z
N VAL A 2 -23.48 7.96 6.64
CA VAL A 2 -23.46 7.90 5.14
C VAL A 2 -22.04 8.21 4.66
N GLN A 3 -21.18 8.54 5.62
CA GLN A 3 -19.78 8.87 5.37
C GLN A 3 -18.98 7.62 4.99
N LEU A 4 -18.44 7.61 3.77
CA LEU A 4 -17.66 6.49 3.26
C LEU A 4 -18.45 5.18 3.17
N GLN A 5 -19.76 5.28 2.98
CA GLN A 5 -20.60 4.09 2.86
C GLN A 5 -20.64 3.65 1.40
N ALA A 6 -20.12 2.47 1.12
CA ALA A 6 -20.09 1.95 -0.25
C ALA A 6 -21.41 1.33 -0.69
N SER A 7 -21.74 1.52 -1.96
CA SER A 7 -22.97 0.97 -2.54
C SER A 7 -22.76 0.76 -4.04
N GLY A 8 -23.67 0.03 -4.67
CA GLY A 8 -23.56 -0.22 -6.09
C GLY A 8 -23.23 -1.66 -6.43
N GLY A 9 -22.93 -2.45 -5.39
CA GLY A 9 -22.60 -3.85 -5.61
C GLY A 9 -23.76 -4.65 -6.16
N GLY A 10 -23.51 -5.89 -6.53
CA GLY A 10 -24.55 -6.74 -7.08
C GLY A 10 -24.03 -8.07 -7.56
N SER A 11 -24.95 -8.95 -7.95
CA SER A 11 -24.58 -10.26 -8.46
C SER A 11 -24.89 -10.26 -9.96
N VAL A 12 -23.84 -10.34 -10.77
CA VAL A 12 -24.02 -10.31 -12.22
C VAL A 12 -23.16 -11.34 -12.94
N GLN A 13 -23.40 -11.49 -14.24
CA GLN A 13 -22.65 -12.41 -15.07
C GLN A 13 -21.37 -11.72 -15.50
N ALA A 14 -20.31 -12.51 -15.70
CA ALA A 14 -19.04 -11.96 -16.13
C ALA A 14 -19.22 -11.21 -17.44
N GLY A 15 -18.48 -10.11 -17.59
CA GLY A 15 -18.57 -9.32 -18.81
C GLY A 15 -19.41 -8.07 -18.62
N GLN A 16 -20.32 -8.11 -17.64
CA GLN A 16 -21.18 -6.97 -17.35
C GLN A 16 -20.43 -5.95 -16.51
N SER A 17 -21.07 -4.81 -16.27
CA SER A 17 -20.46 -3.75 -15.49
C SER A 17 -21.24 -3.36 -14.24
N LEU A 18 -20.55 -2.66 -13.34
CA LEU A 18 -21.12 -2.18 -12.09
C LEU A 18 -20.44 -0.85 -11.77
N ARG A 19 -21.14 0.01 -11.04
CA ARG A 19 -20.57 1.30 -10.65
C ARG A 19 -20.75 1.50 -9.16
N LEU A 20 -19.66 1.41 -8.42
CA LEU A 20 -19.71 1.58 -6.97
C LEU A 20 -19.58 3.06 -6.62
N SER A 21 -20.16 3.45 -5.49
CA SER A 21 -20.12 4.84 -5.07
C SER A 21 -19.99 5.00 -3.55
N CYS A 22 -19.50 6.16 -3.14
CA CYS A 22 -19.34 6.44 -1.75
CA CYS A 22 -19.26 6.53 -1.72
C CYS A 22 -19.35 7.97 -1.50
N ALA A 23 -19.97 8.37 -0.40
CA ALA A 23 -20.08 9.78 -0.07
C ALA A 23 -18.83 10.23 0.67
N THR A 24 -18.41 11.46 0.41
CA THR A 24 -17.23 12.03 1.06
C THR A 24 -17.57 13.43 1.56
N SER A 25 -16.68 13.99 2.38
CA SER A 25 -16.89 15.32 2.93
C SER A 25 -15.57 16.07 3.09
N ALA A 27 -12.97 15.89 1.12
CA ALA A 27 -12.09 14.88 0.54
C ALA A 27 -10.71 15.47 0.25
N THR A 28 -10.69 16.71 -0.22
CA THR A 28 -9.43 17.38 -0.53
C THR A 28 -8.89 18.15 0.67
N SER A 29 -9.69 18.23 1.73
CA SER A 29 -9.29 18.95 2.93
C SER A 29 -8.82 18.03 4.04
N SER A 30 -9.50 16.91 4.22
CA SER A 30 -9.15 15.96 5.27
C SER A 30 -8.30 14.78 4.80
N SER A 31 -8.10 14.65 3.49
CA SER A 31 -7.31 13.54 2.97
C SER A 31 -6.36 13.92 1.84
N ASN A 32 -5.32 13.12 1.67
CA ASN A 32 -4.35 13.34 0.60
C ASN A 32 -4.67 12.30 -0.46
N CYS A 33 -5.15 11.16 0.00
CA CYS A 33 -5.45 10.04 -0.86
C CYS A 33 -6.78 9.35 -0.54
N MET A 34 -7.44 8.87 -1.59
CA MET A 34 -8.68 8.14 -1.44
C MET A 34 -8.58 6.94 -2.38
N GLY A 35 -9.24 5.85 -2.02
CA GLY A 35 -9.17 4.69 -2.89
C GLY A 35 -10.20 3.63 -2.60
N TRP A 36 -10.06 2.49 -3.29
CA TRP A 36 -10.94 1.36 -3.10
C TRP A 36 -10.12 0.12 -2.87
N PHE A 37 -10.54 -0.71 -1.92
CA PHE A 37 -9.87 -1.96 -1.68
C PHE A 37 -10.98 -3.00 -1.57
N ARG A 38 -10.62 -4.26 -1.79
CA ARG A 38 -11.62 -5.33 -1.73
C ARG A 38 -11.13 -6.45 -0.83
N GLN A 39 -12.06 -7.30 -0.40
CA GLN A 39 -11.70 -8.39 0.47
C GLN A 39 -12.64 -9.57 0.31
N ALA A 40 -12.07 -10.76 0.18
CA ALA A 40 -12.86 -11.99 0.04
C ALA A 40 -12.89 -12.64 1.42
N PRO A 41 -13.96 -13.39 1.73
CA PRO A 41 -14.09 -14.05 3.03
C PRO A 41 -12.83 -14.75 3.50
N GLY A 42 -12.35 -14.38 4.69
CA GLY A 42 -11.16 -15.00 5.24
C GLY A 42 -9.86 -14.61 4.56
N LYS A 43 -9.91 -13.65 3.64
CA LYS A 43 -8.71 -13.21 2.94
C LYS A 43 -8.29 -11.81 3.34
N GLU A 44 -7.08 -11.43 2.98
CA GLU A 44 -6.55 -10.11 3.30
C GLU A 44 -7.09 -9.05 2.33
N ARG A 45 -7.07 -7.80 2.77
CA ARG A 45 -7.54 -6.70 1.95
C ARG A 45 -6.62 -6.56 0.74
N GLU A 46 -7.20 -6.27 -0.42
CA GLU A 46 -6.41 -6.09 -1.65
C GLU A 46 -6.66 -4.71 -2.22
N GLY A 47 -5.59 -3.95 -2.44
CA GLY A 47 -5.73 -2.62 -3.01
C GLY A 47 -6.18 -2.74 -4.45
N VAL A 48 -7.09 -1.88 -4.87
CA VAL A 48 -7.63 -1.91 -6.22
C VAL A 48 -7.31 -0.63 -7.01
N ALA A 49 -7.63 0.52 -6.44
CA ALA A 49 -7.41 1.79 -7.10
C ALA A 49 -7.20 2.91 -6.09
N VAL A 50 -6.48 3.94 -6.50
CA VAL A 50 -6.22 5.07 -5.63
C VAL A 50 -6.17 6.36 -6.44
N ILE A 51 -6.53 7.46 -5.79
CA ILE A 51 -6.52 8.76 -6.45
C ILE A 51 -5.99 9.82 -5.50
N ASP A 52 -5.19 10.73 -6.04
CA ASP A 52 -4.63 11.82 -5.27
C ASP A 52 -5.73 12.89 -5.24
N THR A 53 -6.28 13.14 -4.06
CA THR A 53 -7.36 14.11 -3.89
C THR A 53 -7.09 15.50 -4.47
N GLY A 54 -5.84 15.94 -4.41
CA GLY A 54 -5.51 17.25 -4.91
C GLY A 54 -5.18 17.35 -6.39
N ARG A 55 -4.36 16.42 -6.89
CA ARG A 55 -3.95 16.44 -8.28
C ARG A 55 -4.87 15.65 -9.22
N GLY A 56 -5.53 14.62 -8.69
CA GLY A 56 -6.42 13.83 -9.51
C GLY A 56 -5.71 12.64 -10.15
N ASN A 57 -4.41 12.52 -9.89
CA ASN A 57 -3.62 11.43 -10.44
C ASN A 57 -4.09 10.10 -9.85
N THR A 58 -4.05 9.04 -10.65
CA THR A 58 -4.50 7.72 -10.22
C THR A 58 -3.48 6.62 -10.41
N ALA A 59 -3.72 5.49 -9.74
CA ALA A 59 -2.86 4.31 -9.83
C ALA A 59 -3.78 3.11 -9.60
N TYR A 60 -3.44 1.98 -10.23
CA TYR A 60 -4.26 0.78 -10.12
C TYR A 60 -3.46 -0.49 -9.89
N ALA A 61 -4.13 -1.51 -9.38
CA ALA A 61 -3.49 -2.80 -9.18
C ALA A 61 -3.45 -3.43 -10.57
N ASP A 62 -2.45 -4.27 -10.82
CA ASP A 62 -2.32 -4.93 -12.11
C ASP A 62 -3.58 -5.71 -12.50
N SER A 63 -4.22 -6.31 -11.51
CA SER A 63 -5.42 -7.12 -11.73
C SER A 63 -6.63 -6.38 -12.29
N VAL A 64 -6.70 -5.06 -12.09
CA VAL A 64 -7.84 -4.30 -12.56
C VAL A 64 -7.50 -3.20 -13.56
N GLN A 65 -6.22 -3.09 -13.91
CA GLN A 65 -5.76 -2.08 -14.86
C GLN A 65 -6.52 -2.17 -16.18
N GLY A 66 -7.08 -1.05 -16.62
CA GLY A 66 -7.81 -1.03 -17.87
C GLY A 66 -9.28 -1.39 -17.79
N ARG A 67 -9.71 -1.91 -16.65
CA ARG A 67 -11.11 -2.30 -16.47
C ARG A 67 -11.82 -1.43 -15.45
N LEU A 68 -11.12 -1.06 -14.38
CA LEU A 68 -11.72 -0.22 -13.35
C LEU A 68 -11.18 1.19 -13.42
N THR A 69 -12.02 2.16 -13.09
CA THR A 69 -11.63 3.56 -13.11
C THR A 69 -12.11 4.25 -11.84
N ILE A 70 -11.18 4.88 -11.13
CA ILE A 70 -11.52 5.59 -9.90
C ILE A 70 -11.58 7.09 -10.23
N SER A 71 -12.60 7.76 -9.73
CA SER A 71 -12.76 9.18 -9.98
C SER A 71 -13.39 9.88 -8.78
N LEU A 72 -13.12 11.18 -8.66
CA LEU A 72 -13.63 11.96 -7.55
C LEU A 72 -14.41 13.19 -8.01
N ASP A 73 -15.71 13.21 -7.72
CA ASP A 73 -16.56 14.34 -8.09
C ASP A 73 -16.72 15.22 -6.86
N ASN A 74 -15.64 15.86 -6.45
CA ASN A 74 -15.62 16.74 -5.29
C ASN A 74 -16.76 17.76 -5.33
N ASN A 77 -19.15 15.86 -3.43
CA ASN A 77 -18.19 15.02 -2.73
C ASN A 77 -18.57 13.55 -2.83
N THR A 78 -18.25 12.94 -3.97
CA THR A 78 -18.56 11.53 -4.19
C THR A 78 -17.41 10.81 -4.86
N LEU A 79 -17.11 9.60 -4.37
CA LEU A 79 -16.03 8.79 -4.93
C LEU A 79 -16.66 7.67 -5.74
N TYR A 80 -16.17 7.46 -6.96
CA TYR A 80 -16.72 6.43 -7.84
C TYR A 80 -15.71 5.36 -8.26
N LEU A 81 -16.23 4.18 -8.54
CA LEU A 81 -15.41 3.08 -9.02
C LEU A 81 -16.18 2.41 -10.15
N GLN A 82 -15.85 2.78 -11.38
CA GLN A 82 -16.51 2.21 -12.55
C GLN A 82 -15.86 0.86 -12.82
N MET A 83 -16.66 -0.20 -12.79
CA MET A 83 -16.16 -1.55 -13.02
C MET A 83 -16.67 -2.11 -14.33
N ASN A 84 -15.82 -2.12 -15.35
CA ASN A 84 -16.21 -2.65 -16.65
C ASN A 84 -15.64 -4.04 -16.86
N SER A 85 -16.30 -4.82 -17.72
CA SER A 85 -15.89 -6.18 -18.04
C SER A 85 -15.54 -6.99 -16.79
N LEU A 86 -16.47 -7.05 -15.85
CA LEU A 86 -16.27 -7.80 -14.61
C LEU A 86 -15.88 -9.26 -14.83
N LYS A 87 -14.99 -9.74 -13.98
CA LYS A 87 -14.51 -11.12 -14.05
C LYS A 87 -14.89 -11.85 -12.77
N PRO A 88 -14.95 -13.19 -12.82
CA PRO A 88 -15.31 -13.97 -11.62
C PRO A 88 -14.35 -13.68 -10.47
N GLU A 89 -13.10 -13.37 -10.82
CA GLU A 89 -12.08 -13.06 -9.82
C GLU A 89 -12.35 -11.74 -9.09
N ASP A 90 -13.25 -10.93 -9.61
CA ASP A 90 -13.56 -9.65 -8.99
C ASP A 90 -14.53 -9.81 -7.82
N THR A 91 -15.02 -11.03 -7.62
CA THR A 91 -15.97 -11.31 -6.54
C THR A 91 -15.36 -11.04 -5.17
N ALA A 92 -15.98 -10.13 -4.42
CA ALA A 92 -15.51 -9.77 -3.09
C ALA A 92 -16.29 -8.58 -2.55
N MET A 93 -15.96 -8.18 -1.32
CA MET A 93 -16.60 -7.02 -0.69
C MET A 93 -15.72 -5.81 -1.02
N TYR A 94 -16.34 -4.74 -1.49
CA TYR A 94 -15.59 -3.54 -1.84
C TYR A 94 -15.80 -2.40 -0.85
N TYR A 95 -14.72 -1.72 -0.52
CA TYR A 95 -14.76 -0.61 0.44
C TYR A 95 -14.02 0.59 -0.10
N CYS A 96 -14.48 1.77 0.26
CA CYS A 96 -13.81 2.96 -0.16
CA CYS A 96 -13.77 3.00 -0.18
C CYS A 96 -13.01 3.45 1.04
N ALA A 97 -11.79 3.90 0.80
CA ALA A 97 -10.93 4.35 1.88
C ALA A 97 -10.33 5.72 1.70
N ALA A 98 -9.80 6.26 2.79
CA ALA A 98 -9.18 7.57 2.78
C ALA A 98 -8.06 7.61 3.81
N ASP A 99 -7.10 8.51 3.63
CA ASP A 99 -6.03 8.64 4.60
C ASP A 99 -6.22 9.95 5.34
N THR A 100 -5.25 10.32 6.18
CA THR A 100 -5.36 11.56 6.94
C THR A 100 -4.42 12.64 6.41
N SER A 101 -4.92 13.85 6.32
CA SER A 101 -4.13 14.97 5.84
C SER A 101 -3.21 15.50 6.95
N THR A 102 -3.30 14.91 8.13
CA THR A 102 -2.45 15.32 9.25
C THR A 102 -1.01 14.85 9.00
N TRP A 103 -0.85 14.02 7.97
CA TRP A 103 0.46 13.52 7.58
C TRP A 103 0.64 13.88 6.12
N TYR A 104 1.82 14.40 5.77
CA TYR A 104 2.08 14.78 4.39
C TYR A 104 2.32 13.55 3.50
N ARG A 105 1.73 13.58 2.32
CA ARG A 105 1.86 12.53 1.33
C ARG A 105 2.00 13.22 -0.02
N GLY A 106 3.19 13.14 -0.62
CA GLY A 106 3.42 13.78 -1.90
C GLY A 106 2.86 13.01 -3.08
N TYR A 107 2.39 11.80 -2.81
CA TYR A 107 1.82 10.93 -3.82
C TYR A 107 1.03 9.84 -3.10
N CYS A 108 0.32 9.01 -3.86
CA CYS A 108 -0.50 7.97 -3.27
C CYS A 108 -0.24 6.59 -3.84
N GLY A 109 -0.61 5.56 -3.07
CA GLY A 109 -0.44 4.18 -3.48
C GLY A 109 -1.69 3.37 -3.17
N THR A 110 -1.80 2.18 -3.75
CA THR A 110 -2.98 1.34 -3.53
C THR A 110 -2.97 0.46 -2.28
N ASN A 111 -1.80 0.29 -1.66
CA ASN A 111 -1.70 -0.54 -0.46
C ASN A 111 -2.81 -0.18 0.53
N PRO A 112 -3.68 -1.14 0.87
CA PRO A 112 -4.76 -0.80 1.82
C PRO A 112 -4.24 -0.25 3.14
N ASN A 113 -3.01 -0.63 3.50
CA ASN A 113 -2.43 -0.17 4.76
C ASN A 113 -1.98 1.28 4.74
N TYR A 114 -2.21 1.95 3.62
CA TYR A 114 -1.86 3.36 3.51
C TYR A 114 -3.09 4.20 3.81
N PHE A 115 -4.19 3.53 4.17
CA PHE A 115 -5.44 4.23 4.48
C PHE A 115 -5.96 3.78 5.85
N SER A 116 -6.17 4.73 6.75
CA SER A 116 -6.67 4.40 8.08
C SER A 116 -8.18 4.56 8.19
N TYR A 117 -8.82 5.05 7.13
CA TYR A 117 -10.26 5.26 7.15
C TYR A 117 -11.01 4.53 6.05
N TRP A 118 -12.19 4.00 6.40
CA TRP A 118 -13.05 3.32 5.45
C TRP A 118 -14.40 3.09 6.12
N GLY A 119 -15.40 2.73 5.33
CA GLY A 119 -16.72 2.51 5.89
C GLY A 119 -17.31 1.16 5.59
N GLN A 120 -18.64 1.11 5.47
CA GLN A 120 -19.33 -0.14 5.18
C GLN A 120 -19.04 -0.56 3.74
N GLY A 121 -18.95 -1.86 3.51
CA GLY A 121 -18.66 -2.34 2.18
C GLY A 121 -19.87 -2.79 1.37
N THR A 122 -19.65 -3.07 0.09
CA THR A 122 -20.71 -3.52 -0.80
C THR A 122 -20.23 -4.77 -1.54
N GLN A 123 -21.09 -5.78 -1.60
CA GLN A 123 -20.75 -7.05 -2.22
C GLN A 123 -20.85 -7.06 -3.74
N VAL A 124 -19.82 -7.62 -4.37
CA VAL A 124 -19.78 -7.74 -5.82
C VAL A 124 -19.58 -9.22 -6.12
N THR A 125 -20.57 -9.82 -6.77
CA THR A 125 -20.50 -11.23 -7.12
C THR A 125 -20.59 -11.38 -8.64
N VAL A 126 -19.64 -12.09 -9.21
CA VAL A 126 -19.60 -12.30 -10.66
C VAL A 126 -19.49 -13.79 -10.96
N SER A 127 -20.46 -14.31 -11.71
CA SER A 127 -20.46 -15.74 -12.06
C SER A 127 -20.22 -15.97 -13.55
N LYS B 1 10.83 -13.85 -3.90
CA LYS B 1 10.86 -14.71 -2.68
C LYS B 1 9.89 -14.20 -1.62
N VAL B 2 9.10 -15.09 -1.04
CA VAL B 2 8.17 -14.70 0.01
C VAL B 2 8.75 -15.24 1.32
N PHE B 3 9.28 -14.35 2.12
CA PHE B 3 9.88 -14.72 3.41
C PHE B 3 8.85 -15.20 4.41
N GLY B 4 9.31 -16.04 5.33
CA GLY B 4 8.48 -16.51 6.41
C GLY B 4 8.73 -15.44 7.47
N ARG B 5 7.82 -15.31 8.43
CA ARG B 5 7.98 -14.29 9.47
C ARG B 5 9.29 -14.44 10.24
N CYS B 6 9.52 -15.61 10.82
CA CYS B 6 10.75 -15.82 11.56
C CYS B 6 11.98 -15.83 10.68
N GLU B 7 11.84 -16.31 9.44
CA GLU B 7 12.95 -16.33 8.50
C GLU B 7 13.43 -14.88 8.28
N LEU B 8 12.47 -13.97 8.11
CA LEU B 8 12.82 -12.57 7.89
C LEU B 8 13.37 -11.93 9.15
N ALA B 9 12.79 -12.24 10.29
CA ALA B 9 13.27 -11.69 11.55
C ALA B 9 14.75 -12.03 11.75
N ALA B 10 15.11 -13.28 11.49
CA ALA B 10 16.50 -13.71 11.64
C ALA B 10 17.42 -12.98 10.67
N ALA B 11 16.98 -12.84 9.42
CA ALA B 11 17.80 -12.14 8.42
C ALA B 11 17.97 -10.67 8.78
N MET B 12 16.88 -10.04 9.21
CA MET B 12 16.95 -8.62 9.57
C MET B 12 17.84 -8.40 10.78
N LYS B 13 17.84 -9.36 11.71
CA LYS B 13 18.70 -9.25 12.88
C LYS B 13 20.15 -9.34 12.43
N ARG B 14 20.46 -10.29 11.55
CA ARG B 14 21.82 -10.44 11.06
C ARG B 14 22.27 -9.20 10.30
N HIS B 15 21.32 -8.53 9.66
CA HIS B 15 21.64 -7.31 8.91
C HIS B 15 21.63 -6.05 9.76
N GLY B 16 21.60 -6.23 11.07
CA GLY B 16 21.66 -5.12 12.00
C GLY B 16 20.52 -4.15 12.16
N LEU B 17 19.28 -4.60 12.03
CA LEU B 17 18.15 -3.70 12.20
C LEU B 17 17.58 -3.68 13.62
N ASP B 18 17.95 -4.65 14.45
CA ASP B 18 17.44 -4.66 15.81
C ASP B 18 17.94 -3.47 16.62
N ASN B 19 17.01 -2.59 16.97
CA ASN B 19 17.27 -1.38 17.73
C ASN B 19 17.97 -0.30 16.94
N TYR B 20 17.95 -0.41 15.61
CA TYR B 20 18.57 0.60 14.77
C TYR B 20 17.79 1.89 14.94
N ARG B 21 18.47 2.95 15.36
CA ARG B 21 17.85 4.25 15.62
C ARG B 21 16.74 4.12 16.65
N GLY B 22 16.89 3.16 17.57
CA GLY B 22 15.91 2.96 18.61
C GLY B 22 14.71 2.10 18.26
N TYR B 23 14.67 1.57 17.03
CA TYR B 23 13.55 0.74 16.59
C TYR B 23 13.84 -0.74 16.76
N SER B 24 13.16 -1.37 17.70
CA SER B 24 13.34 -2.80 17.96
C SER B 24 13.01 -3.61 16.71
N LEU B 25 13.62 -4.79 16.63
CA LEU B 25 13.44 -5.69 15.48
C LEU B 25 12.00 -5.90 15.00
N GLY B 26 11.08 -6.08 15.94
CA GLY B 26 9.68 -6.30 15.58
C GLY B 26 9.11 -5.21 14.68
N ASN B 27 9.57 -3.97 14.87
CA ASN B 27 9.10 -2.87 14.05
C ASN B 27 9.39 -3.10 12.58
N TRP B 28 10.59 -3.60 12.29
CA TRP B 28 11.03 -3.84 10.93
C TRP B 28 10.31 -5.02 10.28
N VAL B 29 10.06 -6.07 11.05
CA VAL B 29 9.36 -7.22 10.53
C VAL B 29 7.92 -6.82 10.25
N CYS B 30 7.31 -6.11 11.20
CA CYS B 30 5.93 -5.63 11.05
C CYS B 30 5.83 -4.71 9.81
N ALA B 31 6.80 -3.83 9.64
CA ALA B 31 6.78 -2.93 8.50
C ALA B 31 6.79 -3.73 7.20
N ALA B 32 7.64 -4.75 7.11
CA ALA B 32 7.72 -5.56 5.90
C ALA B 32 6.41 -6.29 5.64
N LYS B 33 5.78 -6.77 6.70
CA LYS B 33 4.53 -7.50 6.54
C LYS B 33 3.46 -6.63 5.89
N PHE B 34 3.27 -5.41 6.40
CA PHE B 34 2.23 -4.56 5.87
C PHE B 34 2.58 -3.76 4.63
N GLU B 35 3.87 -3.64 4.34
CA GLU B 35 4.32 -2.95 3.15
C GLU B 35 4.32 -3.89 1.93
N SER B 36 4.92 -5.06 2.10
CA SER B 36 5.07 -6.03 1.01
C SER B 36 4.51 -7.42 1.22
N ASN B 37 3.98 -7.69 2.41
CA ASN B 37 3.48 -9.02 2.74
C ASN B 37 4.63 -10.01 2.63
N PHE B 38 5.82 -9.54 2.95
CA PHE B 38 7.06 -10.33 2.93
C PHE B 38 7.55 -10.77 1.55
N ASN B 39 7.00 -10.15 0.51
CA ASN B 39 7.40 -10.50 -0.86
C ASN B 39 8.54 -9.60 -1.35
N THR B 40 9.72 -10.18 -1.55
CA THR B 40 10.87 -9.41 -2.00
C THR B 40 10.72 -8.84 -3.40
N GLN B 41 9.80 -9.40 -4.19
CA GLN B 41 9.60 -8.93 -5.56
C GLN B 41 8.43 -7.96 -5.73
N ALA B 42 7.79 -7.60 -4.63
CA ALA B 42 6.67 -6.67 -4.69
C ALA B 42 7.00 -5.32 -5.29
N THR B 43 6.19 -4.90 -6.27
CA THR B 43 6.34 -3.59 -6.88
C THR B 43 4.93 -3.01 -6.98
N ASN B 44 4.80 -1.75 -6.58
CA ASN B 44 3.51 -1.08 -6.61
C ASN B 44 3.70 0.34 -7.10
N ARG B 45 2.87 0.74 -8.06
CA ARG B 45 2.96 2.07 -8.64
C ARG B 45 2.26 3.16 -7.84
N ASN B 46 2.89 4.33 -7.80
CA ASN B 46 2.35 5.49 -7.08
C ASN B 46 1.73 6.43 -8.10
N THR B 47 0.86 7.31 -7.64
CA THR B 47 0.17 8.25 -8.52
C THR B 47 1.06 9.29 -9.20
N ASP B 48 2.28 9.47 -8.72
CA ASP B 48 3.19 10.46 -9.30
C ASP B 48 4.14 9.86 -10.36
N GLY B 49 3.95 8.59 -10.68
CA GLY B 49 4.81 7.96 -11.66
C GLY B 49 5.96 7.21 -11.03
N SER B 50 6.12 7.33 -9.72
CA SER B 50 7.18 6.62 -9.03
C SER B 50 6.64 5.23 -8.69
N THR B 51 7.51 4.36 -8.20
CA THR B 51 7.13 3.01 -7.85
C THR B 51 7.80 2.61 -6.53
N ASP B 52 7.13 1.75 -5.77
CA ASP B 52 7.63 1.23 -4.49
C ASP B 52 8.22 -0.15 -4.79
N TYR B 53 9.43 -0.40 -4.31
CA TYR B 53 10.13 -1.64 -4.59
C TYR B 53 10.55 -2.52 -3.42
N GLY B 54 10.29 -3.82 -3.56
CA GLY B 54 10.74 -4.78 -2.57
C GLY B 54 10.08 -4.94 -1.22
N ILE B 55 10.77 -5.71 -0.40
CA ILE B 55 10.33 -6.06 0.95
C ILE B 55 9.90 -4.88 1.81
N LEU B 56 10.55 -3.74 1.63
CA LEU B 56 10.18 -2.54 2.39
C LEU B 56 9.60 -1.43 1.53
N GLN B 57 9.16 -1.79 0.33
CA GLN B 57 8.52 -0.85 -0.58
C GLN B 57 9.17 0.53 -0.67
N ILE B 58 10.47 0.52 -0.94
CA ILE B 58 11.24 1.74 -1.06
C ILE B 58 10.91 2.41 -2.40
N ASN B 59 10.63 3.70 -2.35
CA ASN B 59 10.21 4.45 -3.54
C ASN B 59 11.29 5.06 -4.41
N SER B 60 10.99 5.12 -5.70
CA SER B 60 11.90 5.66 -6.71
C SER B 60 11.89 7.18 -6.80
N ARG B 61 11.01 7.83 -6.06
CA ARG B 61 10.94 9.29 -6.08
C ARG B 61 12.16 9.90 -5.40
N TRP B 62 12.63 9.26 -4.34
CA TRP B 62 13.77 9.75 -3.59
C TRP B 62 14.93 8.80 -3.38
N TRP B 63 14.64 7.51 -3.25
CA TRP B 63 15.68 6.55 -2.87
C TRP B 63 16.47 5.68 -3.85
N CYS B 64 15.85 5.26 -4.94
CA CYS B 64 16.56 4.42 -5.90
C CYS B 64 16.27 4.89 -7.31
N ASN B 65 17.08 4.44 -8.27
CA ASN B 65 16.91 4.83 -9.66
C ASN B 65 16.27 3.70 -10.46
N ASP B 66 15.09 3.96 -11.04
CA ASP B 66 14.45 2.95 -11.88
C ASP B 66 14.38 3.45 -13.32
N GLY B 67 14.99 4.61 -13.56
CA GLY B 67 15.06 5.19 -14.89
C GLY B 67 13.77 5.65 -15.54
N ARG B 68 12.66 5.58 -14.81
CA ARG B 68 11.38 5.98 -15.40
C ARG B 68 10.60 6.94 -14.51
N THR B 69 11.29 7.58 -13.57
CA THR B 69 10.66 8.52 -12.65
C THR B 69 11.41 9.86 -12.80
N PRO B 70 11.07 10.65 -13.84
CA PRO B 70 11.69 11.96 -14.10
C PRO B 70 11.77 12.93 -12.93
N GLY B 71 12.91 13.59 -12.80
CA GLY B 71 13.12 14.57 -11.73
C GLY B 71 13.24 13.99 -10.33
N SER B 72 13.43 12.68 -10.24
CA SER B 72 13.55 12.04 -8.94
C SER B 72 15.00 11.96 -8.48
N ARG B 73 15.19 11.49 -7.25
CA ARG B 73 16.53 11.35 -6.71
C ARG B 73 16.83 9.86 -6.54
N ASN B 74 18.07 9.58 -6.20
CA ASN B 74 18.55 8.23 -5.97
C ASN B 74 19.49 8.35 -4.78
N LEU B 75 18.92 8.74 -3.63
CA LEU B 75 19.72 8.94 -2.43
C LEU B 75 20.45 7.69 -1.94
N CYS B 76 19.89 6.51 -2.17
CA CYS B 76 20.54 5.28 -1.74
C CYS B 76 21.59 4.84 -2.74
N ASN B 77 21.68 5.58 -3.85
CA ASN B 77 22.64 5.31 -4.91
C ASN B 77 22.64 3.85 -5.35
N ILE B 78 21.45 3.38 -5.76
CA ILE B 78 21.30 2.01 -6.21
C ILE B 78 20.17 1.90 -7.23
N PRO B 79 20.23 0.89 -8.10
CA PRO B 79 19.16 0.72 -9.09
C PRO B 79 18.01 0.11 -8.29
N CYS B 80 16.77 0.52 -8.59
CA CYS B 80 15.65 -0.03 -7.84
C CYS B 80 15.58 -1.55 -7.97
N SER B 81 16.12 -2.09 -9.07
CA SER B 81 16.12 -3.52 -9.28
C SER B 81 16.87 -4.25 -8.17
N ALA B 82 17.84 -3.57 -7.56
CA ALA B 82 18.62 -4.17 -6.49
C ALA B 82 17.75 -4.42 -5.25
N LEU B 83 16.65 -3.69 -5.16
CA LEU B 83 15.74 -3.84 -4.03
C LEU B 83 14.75 -4.98 -4.24
N LEU B 84 14.88 -5.69 -5.36
CA LEU B 84 13.96 -6.80 -5.65
C LEU B 84 14.64 -8.16 -5.51
N SER B 85 15.83 -8.17 -4.93
CA SER B 85 16.60 -9.40 -4.75
C SER B 85 16.09 -10.26 -3.60
N SER B 86 16.44 -11.54 -3.61
CA SER B 86 16.04 -12.46 -2.55
C SER B 86 16.90 -12.16 -1.32
N ASP B 87 18.04 -11.53 -1.57
CA ASP B 87 18.97 -11.15 -0.51
C ASP B 87 18.55 -9.74 -0.11
N ILE B 88 18.25 -9.54 1.17
CA ILE B 88 17.77 -8.23 1.64
C ILE B 88 18.82 -7.15 1.90
N THR B 89 20.09 -7.44 1.63
CA THR B 89 21.15 -6.46 1.86
C THR B 89 20.87 -5.06 1.34
N ALA B 90 20.57 -4.93 0.05
CA ALA B 90 20.31 -3.61 -0.53
C ALA B 90 19.14 -2.91 0.14
N SER B 91 18.05 -3.63 0.38
CA SER B 91 16.88 -3.02 1.02
C SER B 91 17.21 -2.56 2.44
N VAL B 92 17.93 -3.38 3.19
CA VAL B 92 18.29 -3.01 4.56
C VAL B 92 19.22 -1.79 4.57
N ASN B 93 20.24 -1.81 3.73
CA ASN B 93 21.18 -0.69 3.70
C ASN B 93 20.47 0.61 3.36
N CYS B 94 19.52 0.54 2.43
CA CYS B 94 18.80 1.74 2.05
C CYS B 94 17.85 2.16 3.16
N ALA B 95 17.20 1.17 3.80
CA ALA B 95 16.28 1.47 4.89
C ALA B 95 17.00 2.20 6.03
N LYS B 96 18.24 1.85 6.28
CA LYS B 96 19.00 2.49 7.34
C LYS B 96 19.22 3.97 7.03
N LYS B 97 19.35 4.30 5.74
CA LYS B 97 19.52 5.69 5.35
C LYS B 97 18.18 6.43 5.48
N ILE B 98 17.11 5.78 5.02
CA ILE B 98 15.78 6.38 5.10
C ILE B 98 15.35 6.72 6.52
N VAL B 99 15.54 5.79 7.44
CA VAL B 99 15.14 5.99 8.82
C VAL B 99 15.90 7.11 9.54
N SER B 100 16.99 7.58 8.94
CA SER B 100 17.77 8.65 9.55
C SER B 100 17.51 9.96 8.81
N ASP B 101 16.57 9.95 7.88
CA ASP B 101 16.26 11.14 7.07
C ASP B 101 15.39 12.19 7.77
N GLY B 102 15.09 11.99 9.05
CA GLY B 102 14.31 12.98 9.77
C GLY B 102 12.95 12.60 10.34
N ASN B 103 12.31 11.59 9.75
CA ASN B 103 10.99 11.18 10.23
C ASN B 103 10.97 9.76 10.81
N GLY B 104 12.15 9.22 11.08
CA GLY B 104 12.22 7.87 11.63
C GLY B 104 11.50 6.88 10.75
N MET B 105 10.83 5.91 11.36
CA MET B 105 10.12 4.91 10.57
C MET B 105 8.80 5.42 10.00
N ASN B 106 8.45 6.66 10.29
CA ASN B 106 7.21 7.22 9.74
C ASN B 106 7.27 7.31 8.22
N ALA B 107 8.47 7.12 7.66
CA ALA B 107 8.65 7.13 6.22
C ALA B 107 7.84 5.99 5.60
N TRP B 108 7.65 4.93 6.36
CA TRP B 108 6.87 3.78 5.91
C TRP B 108 5.44 3.97 6.38
N VAL B 109 4.59 4.37 5.45
CA VAL B 109 3.19 4.61 5.75
C VAL B 109 2.49 3.40 6.36
N ALA B 110 2.79 2.20 5.86
CA ALA B 110 2.14 1.01 6.43
C ALA B 110 2.59 0.78 7.87
N TRP B 111 3.84 1.11 8.17
CA TRP B 111 4.32 0.95 9.54
C TRP B 111 3.59 1.95 10.43
N ARG B 112 3.47 3.18 9.95
CA ARG B 112 2.81 4.23 10.70
C ARG B 112 1.37 3.84 11.05
N ASN B 113 0.68 3.23 10.10
CA ASN B 113 -0.72 2.86 10.31
C ASN B 113 -1.00 1.51 10.97
N ARG B 114 -0.15 0.52 10.74
CA ARG B 114 -0.37 -0.81 11.30
C ARG B 114 0.57 -1.26 12.42
N CYS B 115 1.75 -0.63 12.51
CA CYS B 115 2.73 -1.06 13.49
C CYS B 115 3.05 -0.12 14.65
N LYS B 116 3.22 1.15 14.33
CA LYS B 116 3.57 2.16 15.31
C LYS B 116 2.68 2.10 16.54
N GLY B 117 3.32 2.00 17.70
CA GLY B 117 2.57 1.98 18.95
C GLY B 117 1.90 0.67 19.33
N THR B 118 2.10 -0.39 18.55
CA THR B 118 1.50 -1.67 18.86
C THR B 118 2.55 -2.59 19.47
N ASP B 119 2.12 -3.78 19.87
CA ASP B 119 3.02 -4.76 20.45
C ASP B 119 3.82 -5.42 19.32
N VAL B 120 4.75 -4.67 18.75
CA VAL B 120 5.55 -5.17 17.64
C VAL B 120 6.45 -6.35 18.00
N GLN B 121 6.74 -6.53 19.28
CA GLN B 121 7.58 -7.64 19.70
C GLN B 121 6.91 -8.97 19.32
N ALA B 122 5.58 -8.96 19.21
CA ALA B 122 4.85 -10.16 18.84
C ALA B 122 5.28 -10.68 17.47
N TRP B 123 5.82 -9.80 16.63
CA TRP B 123 6.25 -10.21 15.30
C TRP B 123 7.52 -11.06 15.30
N ILE B 124 8.26 -11.06 16.41
CA ILE B 124 9.47 -11.87 16.50
C ILE B 124 9.34 -12.93 17.59
N ARG B 125 8.18 -12.97 18.24
CA ARG B 125 7.95 -13.92 19.31
C ARG B 125 8.02 -15.35 18.80
N GLY B 126 8.75 -16.20 19.53
CA GLY B 126 8.89 -17.60 19.15
C GLY B 126 9.90 -17.86 18.05
N CYS B 127 10.54 -16.80 17.57
CA CYS B 127 11.53 -16.90 16.51
C CYS B 127 12.94 -17.14 17.00
N ARG B 128 13.68 -17.98 16.27
CA ARG B 128 15.07 -18.22 16.62
C ARG B 128 15.89 -17.18 15.86
N LEU B 129 16.46 -16.24 16.58
CA LEU B 129 17.26 -15.19 15.96
C LEU B 129 18.74 -15.56 16.07
#